data_4IK7
#
_entry.id   4IK7
#
_cell.length_a   42.030
_cell.length_b   83.570
_cell.length_c   63.060
_cell.angle_alpha   90.000
_cell.angle_beta   90.000
_cell.angle_gamma   90.000
#
_symmetry.space_group_name_H-M   'P 21 21 2'
#
loop_
_entity.id
_entity.type
_entity.pdbx_description
1 polymer Transthyretin
2 non-polymer INDOMETHACIN
3 water water
#
_entity_poly.entity_id   1
_entity_poly.type   'polypeptide(L)'
_entity_poly.pdbx_seq_one_letter_code
;GPTGTGESKCPLMVKVLDAVRGSPAINVAVHVFRKAADDTWEPFASGKTSESGELHGLTTEEEFVEGIYKVEIDTKSYWK
ALGISPFHEHAEVVFTANDSGPRRYTIAALLSPYSYSTTAVVTNPKE
;
_entity_poly.pdbx_strand_id   A,B
#
loop_
_chem_comp.id
_chem_comp.type
_chem_comp.name
_chem_comp.formula
IMN non-polymer INDOMETHACIN 'C19 H16 Cl N O4'
#
# COMPACT_ATOMS: atom_id res chain seq x y z
N CYS A 10 2.60 -23.74 -2.03
CA CYS A 10 1.91 -22.45 -1.69
C CYS A 10 2.91 -21.38 -1.23
N PRO A 11 3.66 -20.80 -2.19
CA PRO A 11 4.68 -19.79 -1.92
C PRO A 11 4.15 -18.39 -1.65
N LEU A 12 2.86 -18.17 -1.92
CA LEU A 12 2.25 -16.88 -1.67
C LEU A 12 0.90 -17.05 -1.00
N MET A 13 0.78 -16.46 0.19
CA MET A 13 -0.46 -16.48 0.93
C MET A 13 -0.79 -15.07 1.36
N VAL A 14 -2.06 -14.73 1.30
CA VAL A 14 -2.51 -13.43 1.78
C VAL A 14 -3.43 -13.64 2.97
N LYS A 15 -3.16 -12.93 4.06
N LYS A 15 -3.15 -12.94 4.06
CA LYS A 15 -4.00 -12.99 5.26
CA LYS A 15 -3.99 -12.97 5.24
C LYS A 15 -4.53 -11.61 5.59
C LYS A 15 -4.54 -11.58 5.49
N VAL A 16 -5.86 -11.47 5.59
CA VAL A 16 -6.48 -10.17 5.82
C VAL A 16 -7.27 -10.20 7.12
N LEU A 17 -6.98 -9.22 7.97
CA LEU A 17 -7.67 -9.08 9.24
C LEU A 17 -8.42 -7.78 9.33
N ASP A 18 -9.56 -7.85 10.01
CA ASP A 18 -10.39 -6.72 10.26
C ASP A 18 -10.10 -6.21 11.67
N ALA A 19 -9.57 -4.99 11.77
CA ALA A 19 -9.13 -4.41 13.05
C ALA A 19 -10.28 -3.74 13.83
N VAL A 20 -11.43 -3.62 13.17
CA VAL A 20 -12.64 -3.07 13.79
C VAL A 20 -13.40 -4.18 14.49
N ARG A 21 -13.52 -5.33 13.82
CA ARG A 21 -14.32 -6.43 14.34
C ARG A 21 -13.47 -7.46 15.08
N GLY A 22 -12.14 -7.33 14.97
CA GLY A 22 -11.24 -8.32 15.56
C GLY A 22 -11.53 -9.71 15.02
N SER A 23 -11.56 -9.79 13.71
CA SER A 23 -11.93 -11.00 13.02
C SER A 23 -11.13 -11.07 11.73
N PRO A 24 -11.05 -12.27 11.14
CA PRO A 24 -10.58 -12.34 9.77
C PRO A 24 -11.47 -11.48 8.85
N ALA A 25 -10.85 -10.85 7.86
CA ALA A 25 -11.59 -10.15 6.84
C ALA A 25 -11.94 -11.16 5.76
N ILE A 26 -13.21 -11.57 5.72
CA ILE A 26 -13.69 -12.66 4.89
C ILE A 26 -14.21 -12.13 3.55
N ASN A 27 -13.99 -12.94 2.50
N ASN A 27 -14.00 -12.92 2.48
CA ASN A 27 -14.41 -12.65 1.13
CA ASN A 27 -14.51 -12.58 1.16
C ASN A 27 -13.86 -11.33 0.60
C ASN A 27 -13.86 -11.31 0.58
N VAL A 28 -12.63 -11.04 0.98
CA VAL A 28 -11.90 -9.89 0.47
C VAL A 28 -11.24 -10.30 -0.83
N ALA A 29 -11.58 -9.60 -1.91
CA ALA A 29 -10.96 -9.84 -3.21
C ALA A 29 -9.50 -9.42 -3.17
N VAL A 30 -8.65 -10.29 -3.67
CA VAL A 30 -7.21 -10.05 -3.71
C VAL A 30 -6.72 -10.30 -5.13
N HIS A 31 -6.10 -9.28 -5.72
CA HIS A 31 -5.56 -9.40 -7.06
C HIS A 31 -4.05 -9.29 -6.99
N VAL A 32 -3.38 -10.26 -7.62
CA VAL A 32 -1.94 -10.27 -7.72
C VAL A 32 -1.54 -9.98 -9.16
N PHE A 33 -0.61 -9.05 -9.30
CA PHE A 33 -0.08 -8.65 -10.60
C PHE A 33 1.42 -8.82 -10.56
N ARG A 34 2.01 -9.15 -11.70
CA ARG A 34 3.44 -9.25 -11.82
C ARG A 34 3.89 -8.25 -12.86
N LYS A 35 4.99 -7.55 -12.55
CA LYS A 35 5.53 -6.56 -13.46
C LYS A 35 6.14 -7.27 -14.67
N ALA A 36 5.59 -6.98 -15.84
CA ALA A 36 6.11 -7.55 -17.08
C ALA A 36 7.42 -6.88 -17.48
N ALA A 37 8.06 -7.40 -18.53
CA ALA A 37 9.30 -6.85 -19.05
C ALA A 37 9.12 -5.42 -19.58
N ASP A 38 7.92 -5.12 -20.09
CA ASP A 38 7.59 -3.78 -20.59
C ASP A 38 7.12 -2.83 -19.48
N ASP A 39 7.36 -3.22 -18.23
CA ASP A 39 7.00 -2.44 -17.03
C ASP A 39 5.50 -2.31 -16.73
N THR A 40 4.66 -3.04 -17.46
CA THR A 40 3.23 -3.05 -17.17
C THR A 40 2.91 -4.10 -16.11
N TRP A 41 1.79 -3.91 -15.42
CA TRP A 41 1.30 -4.89 -14.47
C TRP A 41 0.43 -5.94 -15.14
N GLU A 42 1.00 -7.12 -15.32
N GLU A 42 1.00 -7.12 -15.34
CA GLU A 42 0.28 -8.26 -15.87
CA GLU A 42 0.27 -8.24 -15.90
C GLU A 42 -0.43 -9.01 -14.75
C GLU A 42 -0.42 -9.03 -14.79
N PRO A 43 -1.71 -9.37 -14.97
CA PRO A 43 -2.49 -10.13 -13.99
C PRO A 43 -1.83 -11.48 -13.70
N PHE A 44 -1.50 -11.72 -12.44
CA PHE A 44 -0.77 -12.92 -12.08
C PHE A 44 -1.69 -13.97 -11.44
N ALA A 45 -2.49 -13.53 -10.48
CA ALA A 45 -3.44 -14.39 -9.79
C ALA A 45 -4.39 -13.54 -8.98
N SER A 46 -5.52 -14.13 -8.61
CA SER A 46 -6.49 -13.43 -7.79
C SER A 46 -7.34 -14.44 -7.04
N GLY A 47 -8.00 -13.98 -5.99
CA GLY A 47 -8.86 -14.84 -5.21
C GLY A 47 -9.60 -14.05 -4.13
N LYS A 48 -10.39 -14.78 -3.35
N LYS A 48 -10.36 -14.78 -3.33
CA LYS A 48 -11.10 -14.26 -2.20
CA LYS A 48 -11.09 -14.19 -2.22
C LYS A 48 -10.48 -14.84 -0.95
C LYS A 48 -10.58 -14.85 -0.94
N THR A 49 -10.42 -14.05 0.12
CA THR A 49 -10.01 -14.58 1.41
C THR A 49 -11.14 -15.47 1.93
N SER A 50 -10.75 -16.53 2.61
CA SER A 50 -11.69 -17.48 3.13
C SER A 50 -12.31 -16.95 4.42
N GLU A 51 -12.99 -17.85 5.14
CA GLU A 51 -13.57 -17.55 6.44
C GLU A 51 -12.51 -17.26 7.48
N SER A 52 -11.30 -17.78 7.27
CA SER A 52 -10.19 -17.52 8.18
C SER A 52 -9.43 -16.27 7.78
N GLY A 53 -9.95 -15.57 6.76
CA GLY A 53 -9.32 -14.35 6.24
C GLY A 53 -8.09 -14.66 5.43
N GLU A 54 -7.94 -15.93 5.08
CA GLU A 54 -6.74 -16.38 4.35
C GLU A 54 -7.03 -16.68 2.90
N LEU A 55 -6.03 -16.43 2.06
CA LEU A 55 -6.13 -16.75 0.66
C LEU A 55 -4.95 -17.62 0.30
N HIS A 56 -5.22 -18.89 0.08
CA HIS A 56 -4.21 -19.88 -0.27
C HIS A 56 -4.37 -20.25 -1.73
N GLY A 57 -3.34 -20.88 -2.29
CA GLY A 57 -3.41 -21.42 -3.65
C GLY A 57 -3.43 -20.37 -4.75
N LEU A 58 -2.92 -19.18 -4.47
CA LEU A 58 -2.84 -18.14 -5.48
C LEU A 58 -1.91 -18.56 -6.61
N THR A 59 -0.83 -19.25 -6.24
CA THR A 59 0.18 -19.62 -7.19
C THR A 59 0.93 -20.88 -6.78
N THR A 60 1.95 -21.24 -7.57
CA THR A 60 2.75 -22.42 -7.33
C THR A 60 4.22 -22.03 -7.35
N GLU A 61 5.07 -22.93 -6.87
CA GLU A 61 6.52 -22.75 -6.90
C GLU A 61 7.00 -22.50 -8.32
N GLU A 62 6.43 -23.22 -9.28
CA GLU A 62 6.79 -23.13 -10.69
C GLU A 62 6.36 -21.79 -11.28
N GLU A 63 5.16 -21.34 -10.94
CA GLU A 63 4.59 -20.15 -11.55
C GLU A 63 5.15 -18.90 -10.91
N PHE A 64 5.46 -18.99 -9.61
CA PHE A 64 5.84 -17.84 -8.80
C PHE A 64 7.33 -17.56 -8.91
N VAL A 65 7.72 -17.12 -10.10
CA VAL A 65 9.11 -16.87 -10.41
C VAL A 65 9.54 -15.51 -9.83
N GLU A 66 10.83 -15.20 -9.97
CA GLU A 66 11.31 -13.88 -9.63
C GLU A 66 10.50 -12.81 -10.33
N GLY A 67 10.32 -11.69 -9.63
CA GLY A 67 9.73 -10.53 -10.26
C GLY A 67 9.30 -9.54 -9.22
N ILE A 68 8.70 -8.46 -9.69
CA ILE A 68 8.07 -7.51 -8.80
C ILE A 68 6.61 -7.85 -8.88
N TYR A 69 6.03 -8.09 -7.72
CA TYR A 69 4.65 -8.46 -7.62
C TYR A 69 3.90 -7.38 -6.90
N LYS A 70 2.67 -7.17 -7.31
N LYS A 70 2.67 -7.17 -7.32
CA LYS A 70 1.76 -6.28 -6.61
CA LYS A 70 1.74 -6.29 -6.63
C LYS A 70 0.56 -7.09 -6.15
C LYS A 70 0.57 -7.12 -6.15
N VAL A 71 0.29 -7.03 -4.85
CA VAL A 71 -0.89 -7.65 -4.27
C VAL A 71 -1.83 -6.52 -3.94
N GLU A 72 -2.98 -6.51 -4.61
CA GLU A 72 -3.97 -5.48 -4.42
C GLU A 72 -5.13 -6.10 -3.68
N ILE A 73 -5.37 -5.62 -2.46
CA ILE A 73 -6.42 -6.16 -1.62
C ILE A 73 -7.61 -5.22 -1.66
N ASP A 74 -8.75 -5.72 -2.12
CA ASP A 74 -9.91 -4.86 -2.27
C ASP A 74 -10.58 -4.57 -0.92
N THR A 75 -9.94 -3.70 -0.16
CA THR A 75 -10.43 -3.31 1.14
C THR A 75 -11.66 -2.41 1.01
N LYS A 76 -11.73 -1.60 -0.03
CA LYS A 76 -12.86 -0.71 -0.20
C LYS A 76 -14.18 -1.47 -0.24
N SER A 77 -14.30 -2.44 -1.15
CA SER A 77 -15.50 -3.28 -1.25
C SER A 77 -15.79 -4.03 0.02
N TYR A 78 -14.74 -4.36 0.76
CA TYR A 78 -14.90 -5.01 2.05
C TYR A 78 -15.63 -4.09 3.03
N TRP A 79 -15.12 -2.89 3.20
CA TRP A 79 -15.68 -1.95 4.17
C TRP A 79 -17.07 -1.50 3.77
N LYS A 80 -17.29 -1.34 2.47
CA LYS A 80 -18.57 -0.91 1.91
C LYS A 80 -19.67 -1.94 2.13
N ALA A 81 -19.32 -3.22 1.98
CA ALA A 81 -20.21 -4.32 2.32
C ALA A 81 -20.55 -4.37 3.82
N LEU A 82 -19.67 -3.82 4.65
CA LEU A 82 -19.94 -3.71 6.09
C LEU A 82 -20.56 -2.35 6.48
N GLY A 83 -20.87 -1.53 5.48
CA GLY A 83 -21.60 -0.28 5.67
C GLY A 83 -20.70 0.90 6.01
N ILE A 84 -19.41 0.72 5.80
CA ILE A 84 -18.41 1.73 6.10
C ILE A 84 -17.91 2.31 4.79
N SER A 85 -17.76 3.63 4.75
CA SER A 85 -17.09 4.26 3.61
C SER A 85 -15.64 4.41 4.03
N PRO A 86 -14.76 3.59 3.44
CA PRO A 86 -13.38 3.60 3.88
C PRO A 86 -12.59 4.67 3.15
N PHE A 87 -11.42 5.01 3.69
CA PHE A 87 -10.54 5.95 3.02
C PHE A 87 -9.88 5.37 1.76
N HIS A 88 -9.20 4.22 1.92
CA HIS A 88 -8.39 3.67 0.84
C HIS A 88 -9.21 2.91 -0.21
N GLU A 89 -8.73 2.97 -1.45
CA GLU A 89 -9.29 2.18 -2.53
C GLU A 89 -8.94 0.71 -2.35
N HIS A 90 -7.75 0.47 -1.81
CA HIS A 90 -7.27 -0.87 -1.51
C HIS A 90 -6.06 -0.82 -0.59
N ALA A 91 -5.68 -1.99 -0.09
CA ALA A 91 -4.36 -2.22 0.48
C ALA A 91 -3.54 -2.84 -0.65
N GLU A 92 -2.34 -2.32 -0.87
CA GLU A 92 -1.60 -2.70 -2.05
C GLU A 92 -0.13 -2.88 -1.74
N VAL A 93 0.32 -4.13 -1.76
CA VAL A 93 1.68 -4.52 -1.40
C VAL A 93 2.50 -4.80 -2.65
N VAL A 94 3.55 -4.00 -2.87
CA VAL A 94 4.39 -4.24 -4.03
C VAL A 94 5.76 -4.67 -3.53
N PHE A 95 6.27 -5.76 -4.10
CA PHE A 95 7.55 -6.30 -3.64
C PHE A 95 8.26 -7.10 -4.68
N THR A 96 9.58 -7.16 -4.56
CA THR A 96 10.39 -8.07 -5.34
C THR A 96 10.31 -9.43 -4.66
N ALA A 97 9.90 -10.43 -5.42
CA ALA A 97 9.82 -11.78 -4.91
C ALA A 97 10.94 -12.63 -5.49
N ASN A 98 11.48 -13.52 -4.65
CA ASN A 98 12.38 -14.60 -5.05
C ASN A 98 13.72 -14.15 -5.64
N ASP A 99 14.19 -12.97 -5.25
N ASP A 99 14.16 -12.96 -5.24
CA ASP A 99 15.46 -12.43 -5.73
CA ASP A 99 15.43 -12.38 -5.66
C ASP A 99 16.65 -13.29 -5.25
C ASP A 99 16.67 -13.16 -5.19
N SER A 100 16.55 -13.80 -4.03
CA SER A 100 17.62 -14.64 -3.45
C SER A 100 17.24 -16.12 -3.53
N GLY A 101 16.43 -16.49 -4.52
CA GLY A 101 15.86 -17.84 -4.62
C GLY A 101 14.44 -17.87 -4.08
N PRO A 102 13.73 -19.00 -4.26
CA PRO A 102 12.33 -19.12 -3.84
C PRO A 102 12.17 -18.92 -2.33
N ARG A 103 11.21 -18.08 -1.97
CA ARG A 103 10.84 -17.93 -0.58
C ARG A 103 9.33 -18.16 -0.48
N ARG A 104 8.85 -18.37 0.73
N ARG A 104 8.85 -18.39 0.73
CA ARG A 104 7.42 -18.41 1.02
CA ARG A 104 7.40 -18.41 0.98
C ARG A 104 7.00 -17.04 1.54
C ARG A 104 6.99 -17.05 1.54
N TYR A 105 5.95 -16.48 0.96
CA TYR A 105 5.48 -15.15 1.34
C TYR A 105 4.09 -15.19 1.93
N THR A 106 4.00 -14.69 3.15
CA THR A 106 2.72 -14.44 3.76
C THR A 106 2.60 -12.94 3.83
N ILE A 107 1.69 -12.41 3.01
CA ILE A 107 1.35 -11.01 3.05
C ILE A 107 0.17 -10.90 3.99
N ALA A 108 0.36 -10.19 5.09
CA ALA A 108 -0.75 -9.94 6.00
C ALA A 108 -1.14 -8.49 5.94
N ALA A 109 -2.44 -8.25 5.82
CA ALA A 109 -2.99 -6.91 5.89
C ALA A 109 -3.94 -6.83 7.07
N LEU A 110 -3.80 -5.75 7.84
CA LEU A 110 -4.70 -5.47 8.95
C LEU A 110 -5.49 -4.22 8.56
N LEU A 111 -6.81 -4.33 8.59
CA LEU A 111 -7.65 -3.30 7.99
C LEU A 111 -8.47 -2.53 8.98
N SER A 112 -8.40 -1.22 8.86
CA SER A 112 -9.31 -0.31 9.53
C SER A 112 -9.84 0.59 8.42
N PRO A 113 -11.01 1.19 8.63
CA PRO A 113 -11.58 2.01 7.56
C PRO A 113 -10.64 3.09 7.02
N TYR A 114 -9.81 3.67 7.88
CA TYR A 114 -8.93 4.77 7.49
C TYR A 114 -7.45 4.47 7.64
N SER A 115 -7.13 3.19 7.80
CA SER A 115 -5.76 2.77 8.01
C SER A 115 -5.63 1.33 7.65
N TYR A 116 -4.47 0.96 7.13
CA TYR A 116 -4.14 -0.44 7.08
C TYR A 116 -2.66 -0.59 7.29
N SER A 117 -2.29 -1.76 7.79
CA SER A 117 -0.92 -2.10 7.84
C SER A 117 -0.78 -3.31 6.94
N THR A 118 0.38 -3.42 6.33
CA THR A 118 0.71 -4.62 5.61
C THR A 118 2.07 -5.10 6.04
N THR A 119 2.13 -6.39 6.36
N THR A 119 2.12 -6.39 6.38
CA THR A 119 3.37 -7.00 6.78
CA THR A 119 3.34 -7.05 6.88
C THR A 119 3.63 -8.24 5.94
C THR A 119 3.62 -8.30 6.04
N ALA A 120 4.90 -8.59 5.83
CA ALA A 120 5.30 -9.78 5.10
C ALA A 120 6.07 -10.70 6.02
N VAL A 121 5.62 -11.94 6.09
CA VAL A 121 6.42 -12.99 6.68
C VAL A 121 7.02 -13.73 5.51
N VAL A 122 8.34 -13.71 5.45
CA VAL A 122 9.08 -14.36 4.39
C VAL A 122 9.94 -15.44 5.03
N THR A 123 9.74 -16.67 4.57
CA THR A 123 10.42 -17.82 5.14
C THR A 123 11.10 -18.62 4.01
N ASN A 124 12.17 -19.32 4.38
CA ASN A 124 12.93 -20.14 3.44
C ASN A 124 12.54 -21.60 3.60
N PRO A 125 11.86 -22.16 2.58
CA PRO A 125 11.44 -23.57 2.62
C PRO A 125 12.63 -24.53 2.60
N CYS B 10 -3.00 23.96 2.91
CA CYS B 10 -2.31 22.69 2.54
C CYS B 10 -3.30 21.51 2.66
N PRO B 11 -4.02 21.19 1.56
CA PRO B 11 -5.07 20.17 1.57
C PRO B 11 -4.56 18.73 1.64
N LEU B 12 -3.27 18.53 1.38
CA LEU B 12 -2.68 17.20 1.40
C LEU B 12 -1.27 17.24 1.96
N MET B 13 -1.08 16.52 3.06
N MET B 13 -1.09 16.54 3.07
CA MET B 13 0.18 16.45 3.77
CA MET B 13 0.21 16.44 3.71
C MET B 13 0.58 14.97 3.93
C MET B 13 0.56 14.96 3.79
N VAL B 14 1.86 14.67 3.74
CA VAL B 14 2.33 13.30 3.93
C VAL B 14 3.29 13.34 5.11
N LYS B 15 3.06 12.44 6.05
CA LYS B 15 3.98 12.28 7.17
C LYS B 15 4.50 10.86 7.16
N VAL B 16 5.82 10.72 7.24
CA VAL B 16 6.43 9.40 7.22
C VAL B 16 7.30 9.22 8.44
N LEU B 17 7.08 8.12 9.14
CA LEU B 17 7.90 7.80 10.30
C LEU B 17 8.63 6.49 10.15
N ASP B 18 9.70 6.36 10.93
CA ASP B 18 10.56 5.21 10.90
C ASP B 18 10.39 4.45 12.22
N ALA B 19 9.81 3.26 12.13
CA ALA B 19 9.52 2.41 13.29
C ALA B 19 10.74 1.62 13.77
N VAL B 20 11.81 1.66 13.00
CA VAL B 20 13.06 1.00 13.40
C VAL B 20 13.89 1.94 14.28
N ARG B 21 14.02 3.19 13.85
CA ARG B 21 14.85 4.13 14.58
C ARG B 21 14.02 5.07 15.46
N GLY B 22 12.70 4.99 15.33
CA GLY B 22 11.80 5.85 16.12
C GLY B 22 12.01 7.31 15.79
N SER B 23 11.94 7.61 14.52
CA SER B 23 12.30 8.93 14.06
C SER B 23 11.39 9.28 12.92
N PRO B 24 11.35 10.58 12.56
CA PRO B 24 10.79 10.91 11.26
C PRO B 24 11.58 10.18 10.17
N ALA B 25 10.88 9.72 9.12
CA ALA B 25 11.60 9.20 7.96
C ALA B 25 11.90 10.39 7.05
N ILE B 26 13.17 10.76 7.03
CA ILE B 26 13.64 11.98 6.39
C ILE B 26 14.12 11.67 4.99
N ASN B 27 13.93 12.63 4.08
N ASN B 27 13.95 12.63 4.09
CA ASN B 27 14.40 12.52 2.68
CA ASN B 27 14.37 12.54 2.68
C ASN B 27 13.79 11.34 1.92
C ASN B 27 13.80 11.33 1.93
N VAL B 28 12.55 11.01 2.26
CA VAL B 28 11.83 9.96 1.56
C VAL B 28 11.10 10.58 0.39
N ALA B 29 11.38 10.06 -0.81
CA ALA B 29 10.70 10.52 -1.99
C ALA B 29 9.24 10.08 -1.93
N VAL B 30 8.35 11.04 -2.17
CA VAL B 30 6.93 10.80 -2.21
C VAL B 30 6.39 11.33 -3.53
N HIS B 31 5.66 10.49 -4.25
CA HIS B 31 5.00 10.91 -5.47
C HIS B 31 3.50 10.80 -5.31
N VAL B 32 2.81 11.83 -5.75
CA VAL B 32 1.37 11.83 -5.71
C VAL B 32 0.89 11.77 -7.15
N PHE B 33 -0.12 10.94 -7.39
CA PHE B 33 -0.68 10.75 -8.71
C PHE B 33 -2.16 10.92 -8.61
N ARG B 34 -2.77 11.47 -9.66
N ARG B 34 -2.76 11.47 -9.67
CA ARG B 34 -4.22 11.46 -9.79
CA ARG B 34 -4.21 11.48 -9.82
C ARG B 34 -4.59 10.51 -10.91
C ARG B 34 -4.58 10.49 -10.91
N LYS B 35 -5.63 9.70 -10.67
CA LYS B 35 -6.14 8.79 -11.66
C LYS B 35 -6.77 9.60 -12.80
N ALA B 36 -6.24 9.41 -14.01
CA ALA B 36 -6.76 10.08 -15.20
C ALA B 36 -7.98 9.31 -15.73
N ALA B 37 -8.76 9.96 -16.59
CA ALA B 37 -9.99 9.34 -17.14
C ALA B 37 -9.73 8.02 -17.89
N ASP B 38 -8.54 7.88 -18.48
CA ASP B 38 -8.15 6.61 -19.10
C ASP B 38 -7.56 5.60 -18.09
N ASP B 39 -7.85 5.83 -16.81
CA ASP B 39 -7.48 4.93 -15.70
C ASP B 39 -5.98 4.82 -15.42
N THR B 40 -5.20 5.77 -15.94
CA THR B 40 -3.77 5.78 -15.68
C THR B 40 -3.39 6.79 -14.60
N TRP B 41 -2.26 6.56 -13.94
CA TRP B 41 -1.82 7.42 -12.87
C TRP B 41 -1.02 8.58 -13.42
N GLU B 42 -1.54 9.78 -13.22
CA GLU B 42 -0.91 10.96 -13.74
C GLU B 42 -0.10 11.63 -12.63
N PRO B 43 1.25 11.87 -12.93
CA PRO B 43 1.98 12.52 -11.83
C PRO B 43 1.35 13.85 -11.52
N PHE B 44 1.20 14.12 -10.24
CA PHE B 44 0.45 15.27 -9.77
C PHE B 44 1.33 16.17 -8.91
N ALA B 45 2.03 15.55 -7.96
CA ALA B 45 2.94 16.24 -7.07
C ALA B 45 3.98 15.26 -6.54
N SER B 46 5.11 15.77 -6.06
CA SER B 46 6.12 14.96 -5.42
C SER B 46 7.01 15.80 -4.52
N GLY B 47 7.79 15.14 -3.67
CA GLY B 47 8.74 15.85 -2.83
C GLY B 47 9.52 14.85 -2.03
N LYS B 48 10.34 15.36 -1.13
CA LYS B 48 11.09 14.54 -0.19
C LYS B 48 10.64 14.99 1.18
N THR B 49 10.41 14.03 2.07
CA THR B 49 10.01 14.37 3.43
C THR B 49 11.10 15.20 4.10
N SER B 50 10.67 16.14 4.92
CA SER B 50 11.57 17.03 5.64
C SER B 50 12.23 16.29 6.80
N GLU B 51 13.03 17.03 7.57
N GLU B 51 12.99 17.05 7.59
CA GLU B 51 13.63 16.55 8.83
CA GLU B 51 13.63 16.60 8.81
C GLU B 51 12.58 16.07 9.84
C GLU B 51 12.61 16.13 9.86
N SER B 52 11.37 16.60 9.71
CA SER B 52 10.27 16.19 10.58
C SER B 52 9.48 15.04 9.93
N GLY B 53 10.03 14.50 8.84
CA GLY B 53 9.43 13.39 8.13
C GLY B 53 8.16 13.81 7.44
N GLU B 54 8.02 15.10 7.21
CA GLU B 54 6.80 15.67 6.67
C GLU B 54 6.99 16.21 5.27
N LEU B 55 5.94 16.15 4.48
CA LEU B 55 5.95 16.70 3.15
C LEU B 55 4.74 17.61 3.00
N HIS B 56 5.02 18.91 3.02
CA HIS B 56 3.99 19.93 2.92
C HIS B 56 4.03 20.55 1.55
N GLY B 57 2.94 21.22 1.18
CA GLY B 57 2.88 22.03 -0.03
C GLY B 57 2.92 21.20 -1.29
N LEU B 58 2.36 19.99 -1.22
CA LEU B 58 2.31 19.10 -2.37
C LEU B 58 1.35 19.65 -3.40
N THR B 59 0.26 20.23 -2.90
CA THR B 59 -0.79 20.74 -3.75
C THR B 59 -1.48 21.92 -3.08
N THR B 60 -2.44 22.49 -3.78
CA THR B 60 -3.23 23.60 -3.26
C THR B 60 -4.67 23.14 -3.31
N GLU B 61 -5.55 23.87 -2.63
CA GLU B 61 -6.98 23.53 -2.61
C GLU B 61 -7.65 23.62 -3.98
N GLU B 62 -7.16 24.53 -4.82
N GLU B 62 -7.13 24.51 -4.82
CA GLU B 62 -7.67 24.66 -6.19
CA GLU B 62 -7.62 24.69 -6.17
C GLU B 62 -7.27 23.46 -7.04
C GLU B 62 -7.26 23.48 -7.04
N GLU B 63 -6.04 22.98 -6.86
CA GLU B 63 -5.52 21.84 -7.63
C GLU B 63 -6.08 20.51 -7.12
N PHE B 64 -6.32 20.43 -5.82
CA PHE B 64 -6.71 19.16 -5.18
C PHE B 64 -8.20 18.88 -5.29
N VAL B 65 -8.66 18.67 -6.51
CA VAL B 65 -10.05 18.37 -6.78
C VAL B 65 -10.38 16.92 -6.40
N GLU B 66 -11.68 16.62 -6.33
CA GLU B 66 -12.12 15.25 -6.07
C GLU B 66 -11.55 14.35 -7.14
N GLY B 67 -11.24 13.12 -6.74
CA GLY B 67 -10.62 12.17 -7.64
C GLY B 67 -10.02 11.05 -6.85
N ILE B 68 -9.38 10.12 -7.57
CA ILE B 68 -8.66 9.05 -6.94
C ILE B 68 -7.19 9.41 -6.97
N TYR B 69 -6.56 9.39 -5.81
CA TYR B 69 -5.16 9.72 -5.71
C TYR B 69 -4.34 8.55 -5.21
N LYS B 70 -3.12 8.49 -5.71
CA LYS B 70 -2.13 7.54 -5.27
C LYS B 70 -0.99 8.33 -4.69
N VAL B 71 -0.67 8.03 -3.43
CA VAL B 71 0.52 8.56 -2.78
C VAL B 71 1.51 7.41 -2.72
N GLU B 72 2.61 7.57 -3.43
CA GLU B 72 3.62 6.54 -3.51
C GLU B 72 4.85 6.99 -2.74
N ILE B 73 5.18 6.24 -1.70
CA ILE B 73 6.27 6.57 -0.82
C ILE B 73 7.42 5.62 -1.14
N ASP B 74 8.54 6.19 -1.58
CA ASP B 74 9.71 5.37 -1.93
C ASP B 74 10.38 4.85 -0.65
N THR B 75 9.74 3.85 -0.06
CA THR B 75 10.20 3.30 1.19
C THR B 75 11.46 2.49 0.98
N LYS B 76 11.58 1.87 -0.20
CA LYS B 76 12.72 1.01 -0.50
C LYS B 76 14.03 1.79 -0.51
N SER B 77 14.07 2.95 -1.16
CA SER B 77 15.27 3.81 -1.18
C SER B 77 15.62 4.25 0.23
N TYR B 78 14.60 4.54 1.03
CA TYR B 78 14.78 4.91 2.42
C TYR B 78 15.53 3.82 3.16
N TRP B 79 15.02 2.59 3.08
CA TRP B 79 15.67 1.47 3.75
C TRP B 79 17.05 1.14 3.19
N LYS B 80 17.23 1.33 1.88
CA LYS B 80 18.52 1.14 1.25
C LYS B 80 19.55 2.12 1.77
N ALA B 81 19.12 3.34 2.06
CA ALA B 81 19.98 4.38 2.62
C ALA B 81 20.45 4.02 4.02
N LEU B 82 19.59 3.31 4.76
CA LEU B 82 19.91 2.90 6.13
C LEU B 82 20.60 1.54 6.19
N GLY B 83 20.75 0.90 5.04
CA GLY B 83 21.40 -0.40 4.95
C GLY B 83 20.57 -1.56 5.46
N ILE B 84 19.25 -1.41 5.38
CA ILE B 84 18.32 -2.41 5.88
C ILE B 84 17.49 -2.95 4.73
N SER B 85 17.48 -4.27 4.57
CA SER B 85 16.81 -4.92 3.45
C SER B 85 15.30 -4.77 3.59
N PRO B 86 14.67 -4.05 2.65
CA PRO B 86 13.24 -3.82 2.74
C PRO B 86 12.47 -4.90 1.99
N PHE B 87 11.22 -5.10 2.37
CA PHE B 87 10.36 -6.01 1.64
C PHE B 87 9.68 -5.31 0.46
N HIS B 88 9.09 -4.15 0.73
CA HIS B 88 8.25 -3.47 -0.23
C HIS B 88 9.09 -2.65 -1.19
N GLU B 89 8.61 -2.56 -2.43
CA GLU B 89 9.14 -1.64 -3.41
C GLU B 89 8.84 -0.22 -2.97
N HIS B 90 7.68 -0.04 -2.34
CA HIS B 90 7.23 1.26 -1.87
C HIS B 90 6.02 1.09 -0.96
N ALA B 91 5.47 2.20 -0.50
CA ALA B 91 4.18 2.22 0.17
C ALA B 91 3.24 3.03 -0.71
N GLU B 92 2.19 2.38 -1.20
CA GLU B 92 1.29 2.99 -2.16
C GLU B 92 -0.06 3.23 -1.50
N VAL B 93 -0.37 4.51 -1.24
CA VAL B 93 -1.62 4.89 -0.60
C VAL B 93 -2.61 5.47 -1.61
N VAL B 94 -3.66 4.70 -1.87
CA VAL B 94 -4.61 5.03 -2.91
C VAL B 94 -5.95 5.29 -2.27
N PHE B 95 -6.53 6.44 -2.60
CA PHE B 95 -7.73 6.91 -1.93
C PHE B 95 -8.56 7.85 -2.80
N THR B 96 -9.83 7.99 -2.45
CA THR B 96 -10.70 8.95 -3.11
C THR B 96 -10.74 10.23 -2.28
N ALA B 97 -10.27 11.33 -2.87
CA ALA B 97 -10.45 12.64 -2.26
C ALA B 97 -11.89 13.06 -2.52
N ASN B 98 -12.71 13.11 -1.49
CA ASN B 98 -14.09 13.46 -1.72
C ASN B 98 -14.40 14.79 -1.08
N ASP B 99 -14.93 15.71 -1.88
CA ASP B 99 -15.01 17.08 -1.39
C ASP B 99 -15.92 17.31 -0.20
N SER B 100 -17.17 16.86 -0.22
CA SER B 100 -18.04 17.06 0.95
C SER B 100 -17.97 18.49 1.54
N GLY B 101 -17.75 18.55 2.86
CA GLY B 101 -17.39 19.78 3.57
C GLY B 101 -15.89 20.00 3.50
N PRO B 102 -15.34 21.14 4.13
CA PRO B 102 -13.90 21.33 3.87
C PRO B 102 -13.04 20.19 4.43
N ARG B 103 -11.99 19.78 3.72
CA ARG B 103 -11.12 18.69 4.22
C ARG B 103 -9.62 18.84 4.01
N ARG B 104 -8.87 18.43 5.02
CA ARG B 104 -7.41 18.31 4.92
C ARG B 104 -7.03 16.86 5.10
N TYR B 105 -6.13 16.38 4.24
CA TYR B 105 -5.69 14.99 4.26
C TYR B 105 -4.24 14.92 4.72
N THR B 106 -4.03 14.22 5.82
CA THR B 106 -2.70 13.82 6.25
C THR B 106 -2.62 12.33 6.00
N ILE B 107 -1.69 11.97 5.12
CA ILE B 107 -1.38 10.59 4.83
C ILE B 107 -0.17 10.27 5.67
N ALA B 108 -0.35 9.45 6.69
CA ALA B 108 0.79 9.09 7.49
C ALA B 108 1.20 7.67 7.20
N ALA B 109 2.50 7.46 7.10
CA ALA B 109 3.04 6.14 6.90
C ALA B 109 3.99 5.86 8.03
N LEU B 110 3.84 4.70 8.64
CA LEU B 110 4.76 4.22 9.63
C LEU B 110 5.52 3.08 8.99
N LEU B 111 6.84 3.21 8.91
CA LEU B 111 7.65 2.30 8.10
C LEU B 111 8.49 1.33 8.90
N SER B 112 8.39 0.06 8.55
CA SER B 112 9.32 -0.95 9.00
C SER B 112 9.82 -1.66 7.75
N PRO B 113 10.99 -2.31 7.83
CA PRO B 113 11.52 -2.97 6.65
C PRO B 113 10.53 -3.93 6.00
N TYR B 114 9.86 -4.75 6.80
CA TYR B 114 8.94 -5.74 6.27
C TYR B 114 7.49 -5.43 6.53
N SER B 115 7.23 -4.21 7.00
CA SER B 115 5.87 -3.79 7.30
C SER B 115 5.73 -2.31 7.12
N TYR B 116 4.61 -1.88 6.57
CA TYR B 116 4.25 -0.48 6.66
C TYR B 116 2.82 -0.39 7.08
N SER B 117 2.52 0.65 7.85
CA SER B 117 1.15 0.98 8.08
C SER B 117 0.92 2.37 7.52
N THR B 118 -0.28 2.61 7.04
CA THR B 118 -0.63 3.93 6.61
C THR B 118 -1.99 4.29 7.15
N THR B 119 -2.14 5.56 7.51
CA THR B 119 -3.39 6.05 8.05
C THR B 119 -3.70 7.36 7.40
N ALA B 120 -4.99 7.64 7.26
CA ALA B 120 -5.45 8.94 6.84
C ALA B 120 -5.99 9.69 8.03
N VAL B 121 -5.57 10.93 8.18
CA VAL B 121 -6.21 11.84 9.11
C VAL B 121 -6.88 12.91 8.27
N VAL B 122 -8.21 12.83 8.25
CA VAL B 122 -9.02 13.74 7.45
C VAL B 122 -9.78 14.65 8.38
N THR B 123 -9.45 15.94 8.31
CA THR B 123 -9.97 16.94 9.24
C THR B 123 -10.63 18.11 8.51
N ASN B 124 -11.34 18.95 9.28
CA ASN B 124 -11.90 20.21 8.78
C ASN B 124 -10.91 21.36 8.84
C IMN C . -0.87 -12.02 11.39
C1 IMN C . -1.03 -13.37 11.08
C2 IMN C . -2.03 -14.13 11.66
C3 IMN C . -2.90 -13.55 12.58
C4 IMN C . -2.75 -12.20 12.91
C5 IMN C . -1.74 -11.43 12.31
C6 IMN C . -4.02 -15.70 12.97
C7 IMN C . 0.01 -13.75 10.08
C8 IMN C . 0.76 -12.49 9.87
C9 IMN C . 0.63 -10.25 10.72
C10 IMN C . 0.25 -9.28 11.81
C11 IMN C . -0.58 -8.20 11.49
C12 IMN C . -0.93 -7.29 12.49
C13 IMN C . -0.45 -7.45 13.78
C14 IMN C . 0.37 -8.52 14.10
C15 IMN C . 0.74 -9.45 13.11
C16 IMN C . 1.93 -12.36 8.91
C17 IMN C . 0.30 -15.08 9.40
C18 IMN C . -0.52 -16.27 9.82
N IMN C . 0.19 -11.57 10.66
O IMN C . -3.90 -14.29 13.18
O1 IMN C . 1.36 -9.80 9.85
O2 IMN C . -1.27 -16.81 8.97
O3 IMN C . -0.43 -16.68 11.01
CL IMN C . -0.91 -6.27 15.05
C IMN D . 1.81 10.27 13.61
C1 IMN D . 2.11 11.61 13.85
C2 IMN D . 1.41 12.65 13.22
C3 IMN D . 0.38 12.33 12.34
C4 IMN D . 0.08 10.99 12.08
C5 IMN D . 0.78 9.98 12.72
C6 IMN D . -1.70 13.53 11.95
C7 IMN D . 3.23 11.69 14.82
C8 IMN D . 3.52 10.25 15.12
C9 IMN D . 2.58 8.14 14.33
C10 IMN D . 1.94 7.33 13.22
C11 IMN D . 0.86 6.49 13.52
C12 IMN D . 0.27 5.74 12.51
C13 IMN D . 0.76 5.81 11.20
C14 IMN D . 1.83 6.64 10.90
C15 IMN D . 2.43 7.39 11.92
C16 IMN D . 4.57 9.72 16.06
C17 IMN D . 3.85 12.98 15.36
C18 IMN D . 5.35 13.09 15.32
N IMN D . 2.64 9.53 14.36
O IMN D . -0.31 13.33 11.71
O1 IMN D . 3.07 7.49 15.24
O2 IMN D . 6.01 12.44 16.16
O3 IMN D . 5.91 13.83 14.49
CL IMN D . 0.02 4.84 9.89
#